data_3PHI
#
_entry.id   3PHI
#
_cell.length_a   44.990
_cell.length_b   48.391
_cell.length_c   123.002
_cell.angle_alpha   90.00
_cell.angle_beta   97.61
_cell.angle_gamma   90.00
#
_symmetry.space_group_name_H-M   'P 1 21 1'
#
loop_
_entity.id
_entity.type
_entity.pdbx_description
1 polymer 'Shikimate dehydrogenase'
2 non-polymer '(3R,4S,5R)-3,4,5-TRIHYDROXYCYCLOHEX-1-ENE-1-CARBOXYLIC ACID'
3 non-polymer 'NADPH DIHYDRO-NICOTINAMIDE-ADENINE-DINUCLEOTIDE PHOSPHATE'
4 water water
#
_entity_poly.entity_id   1
_entity_poly.type   'polypeptide(L)'
_entity_poly.pdbx_seq_one_letter_code
;MKLKSFGVFGNPIKHSKSPLIHNACFLTFQKELRFLGHYHPILLPLESHIKSEFLHLGLSGANVTLPFKERAFQVCDKIK
GIALECGAVNTLVLENDELVGYNTDALGFYLSLKQKNYQNALILGAGGSAKALACELKKQGLQVSVLNRSSRGLDFFQRL
GCDCFMEPPKSAFDLIINATSASLHNELPLNKEVLKGYFKEGKLAYDLAYGFLTPFLSLAKELKTPFQDGKDMLIYQAAL
SFEKFSASQIPYSKAFEVMRSVFHHHHHH
;
_entity_poly.pdbx_strand_id   A,B
#
# COMPACT_ATOMS: atom_id res chain seq x y z
N MET A 1 23.66 -20.63 -24.37
CA MET A 1 23.65 -19.85 -23.09
C MET A 1 22.45 -20.22 -22.23
N LYS A 2 22.58 -19.99 -20.94
CA LYS A 2 21.52 -20.34 -20.03
C LYS A 2 20.84 -19.07 -19.52
N LEU A 3 19.57 -19.19 -19.16
CA LEU A 3 18.84 -18.09 -18.58
C LEU A 3 19.04 -18.16 -17.09
N LYS A 4 19.18 -17.02 -16.43
CA LYS A 4 19.18 -17.01 -14.95
C LYS A 4 18.19 -15.98 -14.43
N SER A 5 17.51 -16.35 -13.36
CA SER A 5 16.47 -15.51 -12.73
C SER A 5 16.88 -14.76 -11.45
N PHE A 6 16.62 -13.45 -11.42
CA PHE A 6 16.87 -12.58 -10.24
C PHE A 6 15.62 -11.74 -9.90
N GLY A 7 15.61 -11.15 -8.71
CA GLY A 7 14.56 -10.19 -8.38
C GLY A 7 14.82 -9.40 -7.11
N VAL A 8 13.86 -8.54 -6.75
CA VAL A 8 13.88 -7.78 -5.51
C VAL A 8 12.57 -7.97 -4.74
N PHE A 9 12.69 -8.57 -3.54
CA PHE A 9 11.53 -8.84 -2.69
C PHE A 9 11.19 -7.66 -1.83
N GLY A 10 9.91 -7.30 -1.77
CA GLY A 10 9.51 -6.11 -0.99
C GLY A 10 8.01 -6.02 -0.84
N ASN A 11 7.56 -5.14 0.03
CA ASN A 11 6.14 -4.80 0.04
C ASN A 11 5.99 -3.43 0.68
N PRO A 12 5.70 -2.38 -0.11
CA PRO A 12 5.39 -2.37 -1.51
C PRO A 12 6.69 -2.59 -2.30
N ILE A 13 6.55 -2.80 -3.61
CA ILE A 13 7.74 -2.98 -4.46
C ILE A 13 7.66 -2.15 -5.75
N LYS A 14 6.49 -1.57 -6.04
CA LYS A 14 6.31 -0.89 -7.33
C LYS A 14 7.24 0.29 -7.57
N HIS A 15 7.64 1.00 -6.52
CA HIS A 15 8.62 2.11 -6.60
C HIS A 15 10.05 1.68 -7.02
N SER A 16 10.39 0.40 -6.91
CA SER A 16 11.82 0.02 -6.93
C SER A 16 12.41 0.27 -8.30
N LYS A 17 13.54 0.97 -8.36
CA LYS A 17 14.31 1.13 -9.60
C LYS A 17 15.44 0.06 -9.70
N SER A 18 15.40 -0.97 -8.85
CA SER A 18 16.40 -2.03 -8.92
C SER A 18 16.30 -2.86 -10.20
N PRO A 19 15.08 -3.18 -10.67
CA PRO A 19 15.01 -3.89 -11.98
C PRO A 19 15.69 -3.16 -13.16
N LEU A 20 15.39 -1.88 -13.29
CA LEU A 20 15.96 -1.08 -14.36
C LEU A 20 17.47 -1.12 -14.41
N ILE A 21 18.11 -0.91 -13.25
CA ILE A 21 19.57 -0.75 -13.23
C ILE A 21 20.24 -2.10 -13.34
N HIS A 22 19.67 -3.13 -12.71
CA HIS A 22 20.25 -4.46 -12.84
C HIS A 22 20.12 -5.01 -14.24
N ASN A 23 18.89 -5.01 -14.79
CA ASN A 23 18.70 -5.48 -16.15
C ASN A 23 19.67 -4.86 -17.16
N ALA A 24 19.89 -3.54 -17.06
CA ALA A 24 20.92 -2.90 -17.87
C ALA A 24 22.30 -3.59 -17.77
N CYS A 25 22.67 -3.99 -16.56
CA CYS A 25 23.96 -4.64 -16.33
C CYS A 25 24.02 -6.06 -16.92
N PHE A 26 22.94 -6.80 -16.74
CA PHE A 26 22.81 -8.17 -17.27
C PHE A 26 22.95 -8.22 -18.79
N LEU A 27 22.46 -7.17 -19.44
CA LEU A 27 22.63 -7.02 -20.88
C LEU A 27 24.07 -6.55 -21.21
N THR A 28 24.59 -5.58 -20.47
CA THR A 28 25.93 -5.09 -20.75
C THR A 28 27.01 -6.13 -20.51
N PHE A 29 26.81 -7.03 -19.57
CA PHE A 29 27.86 -7.96 -19.23
C PHE A 29 27.55 -9.40 -19.64
N GLN A 30 26.62 -9.61 -20.57
CA GLN A 30 26.15 -10.99 -20.86
C GLN A 30 27.27 -11.96 -21.29
N LYS A 31 28.19 -11.49 -22.12
CA LYS A 31 29.27 -12.38 -22.54
C LYS A 31 30.19 -12.79 -21.39
N GLU A 32 30.73 -11.81 -20.67
CA GLU A 32 31.49 -12.07 -19.44
C GLU A 32 30.74 -13.08 -18.57
N LEU A 33 29.47 -12.78 -18.33
CA LEU A 33 28.67 -13.57 -17.41
C LEU A 33 28.47 -14.95 -17.97
N ARG A 34 28.38 -15.04 -19.29
CA ARG A 34 28.01 -16.31 -19.93
C ARG A 34 26.65 -16.85 -19.49
N PHE A 35 25.73 -15.97 -19.12
CA PHE A 35 24.32 -16.34 -18.94
C PHE A 35 23.44 -15.13 -19.29
N LEU A 36 22.17 -15.40 -19.54
CA LEU A 36 21.21 -14.33 -19.84
C LEU A 36 20.37 -14.07 -18.58
N GLY A 37 20.72 -13.03 -17.83
CA GLY A 37 20.05 -12.74 -16.56
C GLY A 37 18.89 -11.78 -16.73
N HIS A 38 17.85 -11.95 -15.92
CA HIS A 38 16.71 -11.01 -15.92
C HIS A 38 16.28 -10.76 -14.48
N TYR A 39 15.95 -9.58 -14.14
CA TYR A 39 15.66 -9.17 -12.79
C TYR A 39 14.23 -8.64 -12.63
N HIS A 40 13.46 -9.17 -11.72
CA HIS A 40 12.03 -8.81 -11.60
C HIS A 40 11.73 -8.09 -10.30
N PRO A 41 10.71 -7.19 -10.30
CA PRO A 41 10.15 -6.78 -9.03
C PRO A 41 9.26 -7.91 -8.49
N ILE A 42 9.36 -8.25 -7.21
CA ILE A 42 8.57 -9.35 -6.62
C ILE A 42 7.84 -8.89 -5.35
N LEU A 43 6.52 -8.65 -5.44
CA LEU A 43 5.71 -8.23 -4.30
C LEU A 43 5.47 -9.47 -3.44
N LEU A 44 5.97 -9.48 -2.20
CA LEU A 44 5.77 -10.66 -1.31
C LEU A 44 4.76 -10.33 -0.22
N PRO A 45 3.82 -11.24 0.02
CA PRO A 45 2.87 -11.07 1.14
C PRO A 45 3.60 -10.85 2.47
N LEU A 46 3.01 -10.11 3.40
CA LEU A 46 3.72 -9.79 4.64
C LEU A 46 4.07 -11.06 5.46
N GLU A 47 3.35 -12.14 5.20
CA GLU A 47 3.53 -13.37 5.98
C GLU A 47 4.06 -14.58 5.20
N SER A 48 4.63 -14.34 4.03
CA SER A 48 5.30 -15.39 3.28
C SER A 48 6.72 -15.59 3.83
N HIS A 49 7.42 -16.55 3.25
CA HIS A 49 8.73 -16.97 3.73
C HIS A 49 9.78 -16.68 2.62
N ILE A 50 10.66 -15.73 2.87
CA ILE A 50 11.64 -15.35 1.86
C ILE A 50 12.34 -16.58 1.24
N LYS A 51 12.90 -17.46 2.08
CA LYS A 51 13.60 -18.63 1.56
C LYS A 51 12.74 -19.53 0.67
N SER A 52 11.54 -19.85 1.12
CA SER A 52 10.68 -20.72 0.34
C SER A 52 10.34 -20.11 -1.01
N GLU A 53 10.06 -18.81 -1.03
CA GLU A 53 9.74 -18.16 -2.31
C GLU A 53 10.93 -18.12 -3.28
N PHE A 54 12.11 -17.82 -2.74
CA PHE A 54 13.34 -17.77 -3.53
C PHE A 54 13.50 -19.11 -4.24
N LEU A 55 13.38 -20.20 -3.48
CA LEU A 55 13.55 -21.55 -4.00
C LEU A 55 12.43 -21.89 -4.96
N HIS A 56 11.20 -21.57 -4.57
CA HIS A 56 10.04 -21.86 -5.42
C HIS A 56 10.19 -21.14 -6.78
N LEU A 57 10.73 -19.93 -6.77
CA LEU A 57 10.86 -19.18 -8.01
C LEU A 57 12.05 -19.62 -8.85
N GLY A 58 12.94 -20.41 -8.24
CA GLY A 58 14.17 -20.80 -8.89
C GLY A 58 15.16 -19.66 -9.12
N LEU A 59 15.20 -18.67 -8.23
CA LEU A 59 16.12 -17.52 -8.42
C LEU A 59 17.57 -17.95 -8.28
N SER A 60 18.46 -17.30 -9.05
CA SER A 60 19.89 -17.40 -8.77
C SER A 60 20.37 -16.37 -7.75
N GLY A 61 19.60 -15.31 -7.52
CA GLY A 61 20.04 -14.23 -6.60
C GLY A 61 18.92 -13.20 -6.46
N ALA A 62 18.88 -12.45 -5.36
CA ALA A 62 17.84 -11.46 -5.15
C ALA A 62 18.34 -10.32 -4.28
N ASN A 63 17.63 -9.20 -4.34
CA ASN A 63 17.79 -8.22 -3.29
C ASN A 63 16.58 -8.35 -2.39
N VAL A 64 16.69 -7.75 -1.21
CA VAL A 64 15.61 -7.75 -0.25
C VAL A 64 15.46 -6.31 0.25
N THR A 65 14.28 -5.79 0.14
CA THR A 65 13.96 -4.45 0.61
C THR A 65 12.77 -4.51 1.59
N LEU A 66 12.40 -3.28 2.12
CA LEU A 66 11.42 -3.20 3.20
C LEU A 66 10.18 -4.07 2.94
N PRO A 67 9.69 -4.80 3.87
CA PRO A 67 10.11 -4.78 5.26
C PRO A 67 10.75 -6.14 5.72
N PHE A 68 11.60 -6.69 4.78
CA PHE A 68 12.08 -8.06 4.92
C PHE A 68 13.54 -8.27 5.29
N LYS A 69 14.31 -7.21 5.46
CA LYS A 69 15.78 -7.42 5.56
C LYS A 69 16.24 -8.13 6.82
N GLU A 70 15.57 -7.88 7.94
CA GLU A 70 15.89 -8.61 9.16
C GLU A 70 15.41 -10.05 9.08
N ARG A 71 14.24 -10.28 8.48
CA ARG A 71 13.75 -11.65 8.27
C ARG A 71 14.68 -12.44 7.33
N ALA A 72 15.16 -11.80 6.26
CA ALA A 72 16.14 -12.44 5.39
C ALA A 72 17.38 -12.94 6.15
N PHE A 73 17.86 -12.11 7.08
CA PHE A 73 18.95 -12.49 8.00
C PHE A 73 18.65 -13.78 8.78
N GLN A 74 17.41 -13.97 9.18
CA GLN A 74 16.99 -15.12 10.00
C GLN A 74 16.82 -16.39 9.15
N VAL A 75 16.37 -16.24 7.91
CA VAL A 75 16.13 -17.46 7.13
C VAL A 75 17.26 -17.95 6.19
N CYS A 76 18.35 -17.20 6.04
CA CYS A 76 19.47 -17.70 5.19
C CYS A 76 20.10 -18.97 5.76
N ASP A 77 20.65 -19.84 4.90
CA ASP A 77 21.47 -21.00 5.34
C ASP A 77 22.86 -20.56 5.83
N LYS A 78 23.32 -19.42 5.35
CA LYS A 78 24.67 -18.99 5.62
C LYS A 78 24.73 -17.47 5.41
N ILE A 79 25.35 -16.75 6.34
CA ILE A 79 25.56 -15.29 6.19
C ILE A 79 27.04 -15.05 6.00
N LYS A 80 27.43 -14.11 5.13
CA LYS A 80 28.83 -13.77 4.93
C LYS A 80 29.08 -12.30 4.90
N GLY A 81 30.36 -11.93 5.05
CA GLY A 81 30.78 -10.53 5.05
C GLY A 81 30.16 -9.74 6.19
N ILE A 82 30.03 -8.43 5.99
CA ILE A 82 29.62 -7.52 7.05
C ILE A 82 28.15 -7.72 7.52
N ALA A 83 27.35 -8.48 6.75
CA ALA A 83 25.95 -8.79 7.15
C ALA A 83 25.96 -9.45 8.52
N LEU A 84 27.04 -10.17 8.82
CA LEU A 84 27.17 -10.89 10.10
C LEU A 84 27.09 -9.92 11.26
N GLU A 85 27.47 -8.67 11.03
CA GLU A 85 27.39 -7.60 12.05
C GLU A 85 26.18 -6.66 11.89
N CYS A 86 25.38 -6.86 10.84
CA CYS A 86 24.32 -5.89 10.48
C CYS A 86 22.96 -6.37 11.01
N GLY A 87 22.81 -7.66 11.34
CA GLY A 87 21.52 -8.15 11.76
C GLY A 87 20.48 -7.99 10.63
N ALA A 88 20.95 -7.95 9.38
CA ALA A 88 20.08 -7.61 8.23
C ALA A 88 20.72 -8.06 6.92
N VAL A 89 19.89 -8.64 6.04
CA VAL A 89 20.38 -9.13 4.75
C VAL A 89 19.58 -8.50 3.62
N ASN A 90 20.29 -7.82 2.70
CA ASN A 90 19.63 -7.22 1.51
C ASN A 90 19.97 -7.92 0.20
N THR A 91 20.82 -8.95 0.26
CA THR A 91 21.39 -9.56 -0.95
C THR A 91 21.42 -11.05 -0.72
N LEU A 92 20.75 -11.79 -1.59
CA LEU A 92 20.70 -13.24 -1.54
C LEU A 92 21.40 -13.82 -2.76
N VAL A 93 22.18 -14.88 -2.53
CA VAL A 93 22.80 -15.59 -3.65
C VAL A 93 22.70 -17.11 -3.37
N LEU A 94 22.27 -17.88 -4.37
CA LEU A 94 22.29 -19.33 -4.28
C LEU A 94 23.72 -19.83 -4.57
N GLU A 95 24.42 -20.33 -3.54
CA GLU A 95 25.81 -20.77 -3.68
C GLU A 95 25.90 -22.20 -3.15
N ASN A 96 26.49 -23.12 -3.92
CA ASN A 96 26.61 -24.50 -3.47
C ASN A 96 25.26 -25.07 -3.08
N ASP A 97 24.23 -24.70 -3.82
CA ASP A 97 22.87 -25.08 -3.47
C ASP A 97 22.38 -24.57 -2.10
N GLU A 98 23.00 -23.52 -1.56
CA GLU A 98 22.55 -22.95 -0.28
C GLU A 98 22.14 -21.50 -0.47
N LEU A 99 21.20 -20.99 0.33
CA LEU A 99 20.82 -19.57 0.24
C LEU A 99 21.76 -18.77 1.13
N VAL A 100 22.64 -18.00 0.53
CA VAL A 100 23.63 -17.24 1.31
C VAL A 100 23.22 -15.77 1.31
N GLY A 101 23.41 -15.07 2.42
CA GLY A 101 23.00 -13.69 2.51
C GLY A 101 24.18 -12.78 2.69
N TYR A 102 24.05 -11.58 2.17
CA TYR A 102 25.06 -10.56 2.33
C TYR A 102 24.33 -9.26 2.62
N ASN A 103 25.11 -8.23 2.91
CA ASN A 103 24.55 -6.89 3.10
C ASN A 103 25.42 -5.90 2.38
N THR A 104 24.82 -5.18 1.42
CA THR A 104 25.56 -4.18 0.63
C THR A 104 25.14 -2.75 0.96
N ASP A 105 24.18 -2.62 1.88
CA ASP A 105 23.67 -1.35 2.33
C ASP A 105 24.77 -0.63 3.15
N ALA A 106 25.45 -1.38 3.99
CA ALA A 106 26.49 -0.79 4.85
C ALA A 106 27.57 -0.06 4.03
N LEU A 107 28.17 -0.76 3.06
CA LEU A 107 29.22 -0.17 2.21
C LEU A 107 28.65 0.76 1.11
N GLY A 108 27.43 0.48 0.65
CA GLY A 108 26.74 1.38 -0.27
C GLY A 108 26.49 2.73 0.37
N PHE A 109 26.07 2.71 1.63
CA PHE A 109 25.90 3.95 2.39
C PHE A 109 27.23 4.63 2.62
N TYR A 110 28.22 3.84 2.98
CA TYR A 110 29.57 4.43 3.16
C TYR A 110 29.98 5.18 1.89
N LEU A 111 29.92 4.50 0.77
CA LEU A 111 30.32 5.09 -0.50
C LEU A 111 29.53 6.34 -0.89
N SER A 112 28.21 6.31 -0.63
CA SER A 112 27.33 7.40 -0.96
C SER A 112 27.63 8.67 -0.18
N LEU A 113 28.37 8.58 0.90
CA LEU A 113 28.54 9.69 1.82
C LEU A 113 29.84 10.43 1.68
N LYS A 114 29.80 11.67 1.22
CA LYS A 114 31.02 12.43 0.98
C LYS A 114 31.53 12.96 2.33
N TYR A 118 31.97 14.78 9.78
CA TYR A 118 30.81 14.56 10.65
C TYR A 118 31.26 13.80 11.90
N GLN A 119 30.73 14.16 13.06
CA GLN A 119 31.18 13.51 14.28
C GLN A 119 30.11 12.69 14.97
N ASN A 120 28.86 13.12 14.87
CA ASN A 120 27.77 12.32 15.40
C ASN A 120 26.63 12.18 14.42
N ALA A 121 25.71 11.33 14.79
CA ALA A 121 24.58 11.04 13.94
C ALA A 121 23.38 10.71 14.77
N LEU A 122 22.23 11.15 14.29
CA LEU A 122 20.95 10.65 14.74
C LEU A 122 20.29 9.82 13.64
N ILE A 123 19.99 8.55 13.92
CA ILE A 123 19.25 7.66 13.01
C ILE A 123 17.78 7.53 13.46
N LEU A 124 16.87 7.87 12.57
CA LEU A 124 15.45 7.65 12.78
C LEU A 124 15.14 6.35 12.13
N GLY A 125 14.58 5.41 12.89
CA GLY A 125 14.30 4.09 12.31
C GLY A 125 15.20 3.03 12.89
N ALA A 126 14.67 1.83 13.00
CA ALA A 126 15.27 0.72 13.78
C ALA A 126 15.39 -0.53 12.93
N GLY A 127 14.84 -0.46 11.73
CA GLY A 127 14.73 -1.61 10.83
C GLY A 127 15.97 -1.93 10.00
N GLY A 128 15.85 -2.87 9.07
CA GLY A 128 17.04 -3.33 8.33
C GLY A 128 18.04 -2.28 7.88
N SER A 129 17.55 -1.17 7.29
CA SER A 129 18.44 -0.16 6.81
C SER A 129 19.16 0.50 7.99
N ALA A 130 18.43 0.79 9.06
CA ALA A 130 19.01 1.51 10.19
C ALA A 130 20.10 0.68 10.85
N LYS A 131 19.93 -0.63 10.89
CA LYS A 131 20.92 -1.49 11.53
C LYS A 131 22.22 -1.48 10.75
N ALA A 132 22.14 -1.59 9.42
CA ALA A 132 23.36 -1.55 8.61
C ALA A 132 24.05 -0.22 8.74
N LEU A 133 23.26 0.84 8.71
CA LEU A 133 23.85 2.18 8.85
C LEU A 133 24.54 2.40 10.21
N ALA A 134 23.89 1.95 11.27
CA ALA A 134 24.42 2.20 12.62
C ALA A 134 25.75 1.43 12.70
N CYS A 135 25.74 0.21 12.19
CA CYS A 135 26.95 -0.63 12.22
C CYS A 135 28.07 0.05 11.46
N GLU A 136 27.74 0.61 10.31
CA GLU A 136 28.77 1.31 9.54
C GLU A 136 29.29 2.57 10.22
N LEU A 137 28.39 3.44 10.69
CA LEU A 137 28.80 4.71 11.35
C LEU A 137 29.67 4.50 12.60
N LYS A 138 29.30 3.49 13.38
CA LYS A 138 30.06 3.14 14.58
C LYS A 138 31.47 2.71 14.17
N LYS A 139 31.61 2.04 13.03
CA LYS A 139 32.93 1.68 12.52
C LYS A 139 33.74 2.86 12.02
N GLN A 140 33.09 3.87 11.45
CA GLN A 140 33.80 5.11 11.11
C GLN A 140 34.15 6.00 12.31
N GLY A 141 33.85 5.57 13.52
CA GLY A 141 34.20 6.35 14.73
C GLY A 141 33.23 7.48 15.10
N LEU A 142 31.99 7.40 14.62
CA LEU A 142 30.98 8.41 14.96
C LEU A 142 30.25 8.08 16.26
N GLN A 143 29.78 9.11 16.96
CA GLN A 143 28.78 8.87 17.95
C GLN A 143 27.46 8.64 17.25
N VAL A 144 26.70 7.64 17.73
CA VAL A 144 25.41 7.32 17.13
C VAL A 144 24.25 7.26 18.14
N SER A 145 23.20 8.05 17.89
CA SER A 145 21.94 7.91 18.63
C SER A 145 20.85 7.38 17.70
N VAL A 146 19.94 6.60 18.27
CA VAL A 146 18.86 6.00 17.48
C VAL A 146 17.54 6.41 18.13
N LEU A 147 16.63 7.02 17.36
CA LEU A 147 15.35 7.45 17.88
C LEU A 147 14.28 6.74 17.11
N ASN A 148 13.37 6.10 17.84
CA ASN A 148 12.36 5.31 17.19
C ASN A 148 11.05 5.38 17.89
N ARG A 149 10.00 5.14 17.11
CA ARG A 149 8.61 5.00 17.54
C ARG A 149 8.44 3.95 18.63
N SER A 150 8.81 2.72 18.27
CA SER A 150 8.70 1.56 19.14
C SER A 150 10.02 1.22 19.81
N SER A 151 9.97 0.29 20.78
CA SER A 151 11.16 -0.10 21.56
C SER A 151 11.65 -1.48 21.17
N ARG A 152 11.06 -2.02 20.10
CA ARG A 152 11.43 -3.32 19.59
C ARG A 152 12.71 -3.22 18.78
N GLY A 153 13.50 -4.29 18.82
CA GLY A 153 14.66 -4.41 17.97
C GLY A 153 15.78 -3.45 18.34
N LEU A 154 15.85 -3.06 19.63
CA LEU A 154 16.90 -2.13 20.08
C LEU A 154 18.12 -2.77 20.80
N ASP A 155 17.96 -3.98 21.33
CA ASP A 155 19.14 -4.73 21.83
C ASP A 155 20.32 -4.64 20.86
N PHE A 156 20.06 -4.81 19.56
CA PHE A 156 21.10 -4.75 18.55
C PHE A 156 21.83 -3.41 18.65
N PHE A 157 21.10 -2.28 18.76
CA PHE A 157 21.78 -0.98 18.78
C PHE A 157 22.53 -0.73 20.11
N GLN A 158 21.94 -1.20 21.22
CA GLN A 158 22.63 -1.13 22.48
C GLN A 158 23.95 -1.84 22.48
N ARG A 159 23.98 -3.04 21.89
CA ARG A 159 25.22 -3.79 21.89
C ARG A 159 26.29 -3.18 21.01
N LEU A 160 25.85 -2.43 19.98
CA LEU A 160 26.78 -1.67 19.17
C LEU A 160 27.35 -0.50 19.96
N GLY A 161 26.71 -0.12 21.05
CA GLY A 161 27.20 1.02 21.78
C GLY A 161 26.45 2.32 21.45
N CYS A 162 25.33 2.24 20.74
CA CYS A 162 24.53 3.44 20.45
C CYS A 162 23.75 3.90 21.66
N ASP A 163 23.44 5.21 21.72
CA ASP A 163 22.43 5.77 22.64
C ASP A 163 21.03 5.67 22.02
N CYS A 164 20.10 5.03 22.71
CA CYS A 164 18.80 4.68 22.17
C CYS A 164 17.71 5.53 22.83
N PHE A 165 16.72 5.97 22.04
CA PHE A 165 15.67 6.89 22.51
C PHE A 165 14.26 6.65 21.93
N MET A 166 13.23 6.91 22.75
CA MET A 166 11.88 7.11 22.24
C MET A 166 11.45 8.57 22.37
N GLU A 167 12.02 9.26 23.34
CA GLU A 167 11.84 10.71 23.43
C GLU A 167 12.99 11.45 22.76
N PRO A 168 12.68 12.36 21.81
CA PRO A 168 13.75 13.03 21.10
C PRO A 168 14.73 13.76 22.01
N PRO A 169 16.03 13.47 21.86
CA PRO A 169 17.03 14.13 22.68
C PRO A 169 17.16 15.59 22.27
N LYS A 170 17.35 16.47 23.25
CA LYS A 170 17.66 17.85 22.91
C LYS A 170 19.17 17.99 22.87
N SER A 171 19.73 17.78 21.68
CA SER A 171 21.15 18.02 21.43
C SER A 171 21.32 18.10 19.93
N ALA A 172 22.44 18.66 19.47
CA ALA A 172 22.71 18.82 18.04
C ALA A 172 23.35 17.57 17.44
N PHE A 173 22.95 17.24 16.22
CA PHE A 173 23.55 16.12 15.49
C PHE A 173 23.99 16.61 14.11
N ASP A 174 25.24 16.28 13.71
CA ASP A 174 25.71 16.61 12.37
C ASP A 174 24.85 15.95 11.28
N LEU A 175 24.65 14.65 11.42
CA LEU A 175 23.91 13.88 10.41
C LEU A 175 22.55 13.48 10.97
N ILE A 176 21.48 13.77 10.25
CA ILE A 176 20.14 13.38 10.67
C ILE A 176 19.59 12.51 9.56
N ILE A 177 19.51 11.24 9.84
CA ILE A 177 19.25 10.27 8.81
C ILE A 177 17.87 9.66 8.98
N ASN A 178 17.08 9.74 7.91
CA ASN A 178 15.77 9.14 7.92
C ASN A 178 15.85 7.74 7.35
N ALA A 179 15.93 6.75 8.23
CA ALA A 179 15.96 5.35 7.80
C ALA A 179 14.67 4.65 8.11
N THR A 180 13.59 5.44 8.29
CA THR A 180 12.27 4.89 8.47
C THR A 180 11.66 4.59 7.08
N SER A 181 10.50 3.97 7.07
CA SER A 181 9.80 3.82 5.79
C SER A 181 8.64 4.79 5.63
N ALA A 182 8.59 5.78 6.51
CA ALA A 182 7.57 6.83 6.49
C ALA A 182 7.48 7.52 5.11
N SER A 183 8.62 7.92 4.57
CA SER A 183 8.69 8.65 3.29
C SER A 183 7.91 7.95 2.17
N LEU A 184 8.18 6.65 2.01
CA LEU A 184 7.54 5.87 0.94
C LEU A 184 6.07 5.59 1.21
N HIS A 185 5.64 5.77 2.46
CA HIS A 185 4.26 5.82 2.76
C HIS A 185 4.04 7.32 2.84
N ASN A 186 5.09 8.10 2.65
CA ASN A 186 4.91 9.55 2.43
C ASN A 186 4.58 10.54 3.65
N GLU A 187 4.71 10.10 4.89
CA GLU A 187 4.54 10.92 6.13
C GLU A 187 5.89 11.37 6.85
N LEU A 188 5.92 12.33 7.79
CA LEU A 188 7.16 12.59 8.53
C LEU A 188 7.55 11.41 9.41
N PRO A 189 8.85 11.25 9.68
CA PRO A 189 9.27 10.19 10.61
C PRO A 189 9.10 10.64 12.06
N LEU A 190 8.89 11.94 12.24
CA LEU A 190 8.92 12.57 13.54
C LEU A 190 8.05 13.83 13.50
N ASN A 191 7.67 14.34 14.68
CA ASN A 191 7.00 15.65 14.78
C ASN A 191 7.71 16.77 14.01
N LYS A 192 6.92 17.61 13.33
CA LYS A 192 7.50 18.64 12.45
C LYS A 192 8.41 19.62 13.17
N GLU A 193 7.98 20.06 14.35
CA GLU A 193 8.75 21.07 15.09
C GLU A 193 10.07 20.51 15.68
N VAL A 194 10.03 19.29 16.18
CA VAL A 194 11.25 18.61 16.65
C VAL A 194 12.29 18.51 15.54
N LEU A 195 11.83 18.00 14.40
CA LEU A 195 12.64 17.87 13.19
C LEU A 195 13.23 19.19 12.71
N LYS A 196 12.44 20.26 12.78
CA LYS A 196 12.95 21.61 12.45
C LYS A 196 14.16 21.98 13.30
N GLY A 197 14.09 21.74 14.61
CA GLY A 197 15.20 22.02 15.53
C GLY A 197 16.43 21.18 15.20
N TYR A 198 16.25 19.91 14.90
CA TYR A 198 17.40 19.10 14.47
C TYR A 198 18.05 19.67 13.20
N PHE A 199 17.24 20.02 12.20
CA PHE A 199 17.78 20.59 10.96
C PHE A 199 18.53 21.90 11.18
N LYS A 200 17.98 22.79 11.99
CA LYS A 200 18.61 24.11 12.20
C LYS A 200 20.01 23.99 12.80
N GLU A 201 20.20 22.94 13.60
CA GLU A 201 21.54 22.68 14.12
C GLU A 201 22.31 21.55 13.45
N GLY A 202 21.73 20.93 12.42
CA GLY A 202 22.39 19.79 11.74
C GLY A 202 23.16 20.20 10.49
N LYS A 203 23.98 19.29 9.98
CA LYS A 203 24.82 19.62 8.83
C LYS A 203 24.37 18.87 7.59
N LEU A 204 23.69 17.74 7.75
CA LEU A 204 23.19 17.01 6.59
C LEU A 204 21.94 16.24 6.98
N ALA A 205 20.87 16.47 6.24
CA ALA A 205 19.65 15.70 6.34
C ALA A 205 19.72 14.60 5.30
N TYR A 206 19.67 13.35 5.73
CA TYR A 206 19.86 12.27 4.77
C TYR A 206 18.65 11.37 4.78
N ASP A 207 17.95 11.26 3.66
CA ASP A 207 16.80 10.35 3.56
C ASP A 207 17.20 9.17 2.64
N LEU A 208 16.93 7.95 3.10
CA LEU A 208 17.15 6.77 2.27
C LEU A 208 16.21 6.63 1.05
N ALA A 209 14.98 7.14 1.15
CA ALA A 209 14.05 7.06 0.03
C ALA A 209 14.62 7.82 -1.18
N TYR A 210 14.30 7.37 -2.39
CA TYR A 210 14.86 8.02 -3.58
C TYR A 210 13.72 8.31 -4.57
N GLY A 211 14.00 8.99 -5.68
CA GLY A 211 12.96 9.18 -6.70
C GLY A 211 11.83 10.21 -6.52
N PHE A 212 11.72 10.84 -5.35
CA PHE A 212 10.79 11.97 -5.20
C PHE A 212 11.17 12.78 -3.96
N LEU A 213 10.59 13.97 -3.80
CA LEU A 213 10.88 14.77 -2.62
C LEU A 213 10.01 14.33 -1.45
N THR A 214 10.62 13.75 -0.43
CA THR A 214 9.87 13.27 0.74
C THR A 214 9.47 14.40 1.69
N PRO A 215 8.50 14.12 2.58
CA PRO A 215 8.17 15.17 3.52
C PRO A 215 9.40 15.59 4.37
N PHE A 216 10.21 14.61 4.79
CA PHE A 216 11.44 14.88 5.53
C PHE A 216 12.38 15.84 4.74
N LEU A 217 12.63 15.56 3.46
CA LEU A 217 13.61 16.34 2.70
C LEU A 217 13.06 17.71 2.27
N SER A 218 11.76 17.76 2.01
CA SER A 218 11.08 19.01 1.67
C SER A 218 11.23 20.00 2.81
N LEU A 219 11.25 19.48 4.02
CA LEU A 219 11.34 20.34 5.20
C LEU A 219 12.79 20.77 5.43
N ALA A 220 13.73 19.86 5.17
CA ALA A 220 15.14 20.27 5.20
C ALA A 220 15.35 21.38 4.16
N LYS A 221 14.82 21.14 2.96
CA LYS A 221 14.94 22.09 1.85
C LYS A 221 14.37 23.47 2.26
N GLU A 222 13.15 23.44 2.81
CA GLU A 222 12.44 24.65 3.30
C GLU A 222 13.32 25.44 4.30
N LEU A 223 14.11 24.73 5.11
CA LEU A 223 15.00 25.37 6.10
C LEU A 223 16.44 25.66 5.62
N LYS A 224 16.71 25.35 4.37
CA LYS A 224 18.06 25.61 3.85
C LYS A 224 19.15 24.77 4.53
N THR A 225 18.77 23.62 5.06
CA THR A 225 19.78 22.67 5.55
C THR A 225 20.20 21.72 4.43
N PRO A 226 21.49 21.49 4.28
CA PRO A 226 21.98 20.63 3.22
C PRO A 226 21.31 19.25 3.28
N PHE A 227 20.94 18.70 2.13
CA PHE A 227 20.20 17.43 2.10
C PHE A 227 20.65 16.49 0.97
N GLN A 228 20.33 15.21 1.13
CA GLN A 228 20.71 14.20 0.17
C GLN A 228 19.69 13.06 0.24
N ASP A 229 19.26 12.58 -0.91
CA ASP A 229 18.27 11.51 -0.94
C ASP A 229 18.98 10.19 -1.14
N GLY A 230 18.21 9.12 -1.28
CA GLY A 230 18.79 7.78 -1.32
C GLY A 230 19.35 7.34 -2.68
N LYS A 231 19.46 8.24 -3.64
CA LYS A 231 19.89 7.75 -4.96
C LYS A 231 21.34 7.17 -5.01
N ASP A 232 22.33 7.88 -4.50
CA ASP A 232 23.70 7.39 -4.60
C ASP A 232 23.85 6.07 -3.83
N MET A 233 23.25 6.00 -2.66
CA MET A 233 23.23 4.73 -1.94
C MET A 233 22.57 3.56 -2.71
N LEU A 234 21.39 3.81 -3.29
CA LEU A 234 20.76 2.81 -4.14
C LEU A 234 21.76 2.24 -5.14
N ILE A 235 22.41 3.12 -5.87
CA ILE A 235 23.23 2.67 -6.99
C ILE A 235 24.46 1.96 -6.48
N TYR A 236 25.09 2.50 -5.44
CA TYR A 236 26.24 1.83 -4.87
C TYR A 236 25.90 0.41 -4.35
N GLN A 237 24.83 0.27 -3.54
CA GLN A 237 24.50 -1.07 -3.00
C GLN A 237 24.11 -2.02 -4.13
N ALA A 238 23.39 -1.50 -5.13
CA ALA A 238 22.99 -2.28 -6.31
C ALA A 238 24.23 -2.87 -7.01
N ALA A 239 25.20 -2.00 -7.31
CA ALA A 239 26.44 -2.43 -7.94
C ALA A 239 27.15 -3.56 -7.15
N LEU A 240 27.32 -3.33 -5.83
CA LEU A 240 27.90 -4.29 -4.90
C LEU A 240 27.14 -5.58 -4.99
N SER A 241 25.80 -5.49 -5.03
CA SER A 241 25.01 -6.73 -5.08
C SER A 241 25.27 -7.42 -6.41
N PHE A 242 25.31 -6.63 -7.48
CA PHE A 242 25.53 -7.23 -8.79
C PHE A 242 26.85 -7.96 -8.80
N GLU A 243 27.87 -7.38 -8.14
CA GLU A 243 29.15 -8.07 -8.05
C GLU A 243 28.92 -9.44 -7.40
N LYS A 244 28.15 -9.48 -6.31
CA LYS A 244 27.86 -10.74 -5.60
C LYS A 244 27.07 -11.69 -6.50
N PHE A 245 26.10 -11.14 -7.24
CA PHE A 245 25.32 -11.91 -8.22
C PHE A 245 26.25 -12.58 -9.23
N SER A 246 27.32 -11.90 -9.57
CA SER A 246 28.15 -12.40 -10.67
C SER A 246 29.15 -13.41 -10.13
N ALA A 247 28.98 -13.81 -8.87
CA ALA A 247 29.99 -14.65 -8.21
C ALA A 247 31.35 -13.91 -8.15
N SER A 248 31.25 -12.61 -7.92
CA SER A 248 32.41 -11.74 -7.82
C SER A 248 33.21 -11.65 -9.13
N GLN A 249 32.63 -12.05 -10.26
CA GLN A 249 33.28 -11.77 -11.57
C GLN A 249 33.28 -10.32 -12.06
N ILE A 250 32.12 -9.67 -12.11
CA ILE A 250 32.06 -8.23 -12.47
C ILE A 250 32.34 -7.35 -11.23
N PRO A 251 33.38 -6.51 -11.29
CA PRO A 251 33.71 -5.64 -10.16
C PRO A 251 32.63 -4.58 -9.99
N TYR A 252 32.30 -4.23 -8.76
CA TYR A 252 31.18 -3.29 -8.51
C TYR A 252 31.35 -1.96 -9.25
N SER A 253 32.58 -1.45 -9.36
CA SER A 253 32.79 -0.11 -9.96
C SER A 253 32.39 -0.14 -11.43
N LYS A 254 32.50 -1.31 -12.05
CA LYS A 254 32.11 -1.51 -13.44
C LYS A 254 30.56 -1.48 -13.58
N ALA A 255 29.88 -2.16 -12.65
CA ALA A 255 28.40 -2.12 -12.60
C ALA A 255 27.86 -0.70 -12.34
N PHE A 256 28.54 0.01 -11.44
CA PHE A 256 28.11 1.30 -10.95
C PHE A 256 28.05 2.31 -12.08
N GLU A 257 29.03 2.25 -12.98
CA GLU A 257 29.01 3.17 -14.11
C GLU A 257 27.83 2.85 -15.04
N VAL A 258 27.55 1.59 -15.29
CA VAL A 258 26.36 1.30 -16.12
C VAL A 258 25.05 1.70 -15.42
N MET A 259 24.94 1.36 -14.13
CA MET A 259 23.74 1.67 -13.37
C MET A 259 23.53 3.18 -13.26
N ARG A 260 24.57 3.93 -12.94
CA ARG A 260 24.41 5.37 -12.79
C ARG A 260 23.89 6.08 -14.05
N SER A 261 24.30 5.61 -15.22
CA SER A 261 23.87 6.30 -16.45
C SER A 261 22.41 5.97 -16.83
N VAL A 262 21.96 4.73 -16.63
CA VAL A 262 20.55 4.43 -16.93
C VAL A 262 19.57 5.10 -15.96
N MET B 1 -24.21 -5.06 30.38
CA MET B 1 -24.36 -5.32 28.92
C MET B 1 -23.38 -6.38 28.41
N LYS B 2 -23.49 -6.67 27.12
CA LYS B 2 -22.54 -7.52 26.44
C LYS B 2 -21.77 -6.63 25.47
N LEU B 3 -20.52 -7.01 25.18
CA LEU B 3 -19.76 -6.34 24.12
C LEU B 3 -19.96 -7.09 22.82
N LYS B 4 -19.99 -6.36 21.70
CA LYS B 4 -20.11 -7.01 20.39
C LYS B 4 -19.10 -6.42 19.45
N SER B 5 -18.41 -7.29 18.72
CA SER B 5 -17.29 -6.90 17.85
C SER B 5 -17.66 -6.74 16.39
N PHE B 6 -17.26 -5.63 15.76
CA PHE B 6 -17.49 -5.35 14.31
C PHE B 6 -16.21 -4.86 13.64
N GLY B 7 -16.16 -4.94 12.33
CA GLY B 7 -15.03 -4.38 11.63
C GLY B 7 -15.28 -4.12 10.15
N VAL B 8 -14.31 -3.47 9.52
CA VAL B 8 -14.25 -3.38 8.07
C VAL B 8 -12.95 -4.06 7.57
N PHE B 9 -13.14 -5.10 6.74
CA PHE B 9 -12.02 -5.78 6.06
C PHE B 9 -11.62 -5.10 4.74
N GLY B 10 -10.33 -4.90 4.52
CA GLY B 10 -9.88 -4.30 3.27
C GLY B 10 -8.36 -4.35 3.16
N ASN B 11 -7.85 -3.96 1.99
CA ASN B 11 -6.41 -3.79 1.79
C ASN B 11 -6.20 -2.85 0.58
N PRO B 12 -5.83 -1.58 0.82
CA PRO B 12 -5.49 -0.97 2.10
C PRO B 12 -6.74 -0.54 2.88
N ILE B 13 -6.61 -0.33 4.16
CA ILE B 13 -7.75 -0.05 5.05
C ILE B 13 -7.54 1.21 5.87
N LYS B 14 -6.34 1.77 5.92
CA LYS B 14 -6.10 2.95 6.75
C LYS B 14 -6.89 4.20 6.37
N HIS B 15 -7.34 4.27 5.20
CA HIS B 15 -8.12 5.43 4.75
C HIS B 15 -9.60 5.38 5.21
N SER B 16 -10.06 4.24 5.73
CA SER B 16 -11.51 4.00 5.93
C SER B 16 -12.10 4.88 7.05
N LYS B 17 -13.20 5.56 6.75
CA LYS B 17 -13.88 6.36 7.74
C LYS B 17 -15.05 5.59 8.33
N SER B 18 -15.17 4.30 8.01
CA SER B 18 -16.23 3.46 8.57
C SER B 18 -16.15 3.33 10.11
N PRO B 19 -14.92 3.15 10.65
CA PRO B 19 -14.85 2.99 12.11
C PRO B 19 -15.36 4.23 12.86
N LEU B 20 -15.01 5.41 12.39
CA LEU B 20 -15.50 6.63 13.01
C LEU B 20 -17.03 6.70 13.06
N ILE B 21 -17.66 6.52 11.91
CA ILE B 21 -19.12 6.72 11.83
C ILE B 21 -19.92 5.59 12.50
N HIS B 22 -19.42 4.37 12.47
CA HIS B 22 -20.13 3.24 13.09
C HIS B 22 -19.98 3.31 14.61
N ASN B 23 -18.77 3.62 15.08
CA ASN B 23 -18.54 3.80 16.50
C ASN B 23 -19.40 4.89 17.12
N ALA B 24 -19.61 6.00 16.42
CA ALA B 24 -20.55 7.03 16.90
C ALA B 24 -21.98 6.50 17.09
N CYS B 25 -22.49 5.72 16.12
CA CYS B 25 -23.80 5.10 16.26
C CYS B 25 -23.89 4.09 17.37
N PHE B 26 -22.91 3.21 17.43
CA PHE B 26 -22.90 2.21 18.52
C PHE B 26 -22.98 2.85 19.92
N LEU B 27 -22.40 4.05 20.07
CA LEU B 27 -22.51 4.76 21.35
C LEU B 27 -23.91 5.42 21.46
N THR B 28 -24.36 6.05 20.36
CA THR B 28 -25.66 6.72 20.36
C THR B 28 -26.83 5.78 20.62
N PHE B 29 -26.75 4.54 20.11
CA PHE B 29 -27.88 3.61 20.17
C PHE B 29 -27.69 2.45 21.14
N GLN B 30 -26.74 2.56 22.04
CA GLN B 30 -26.44 1.43 22.93
C GLN B 30 -27.63 0.99 23.76
N LYS B 31 -28.36 1.96 24.31
CA LYS B 31 -29.54 1.64 25.12
C LYS B 31 -30.57 0.87 24.29
N GLU B 32 -30.96 1.43 23.16
CA GLU B 32 -31.79 0.72 22.16
C GLU B 32 -31.19 -0.65 21.78
N LEU B 33 -29.88 -0.69 21.50
CA LEU B 33 -29.26 -1.96 21.05
C LEU B 33 -29.15 -3.05 22.13
N ARG B 34 -29.03 -2.64 23.40
CA ARG B 34 -28.78 -3.56 24.51
C ARG B 34 -27.43 -4.29 24.37
N PHE B 35 -26.45 -3.60 23.80
CA PHE B 35 -25.08 -4.13 23.75
C PHE B 35 -24.11 -2.98 23.45
N LEU B 36 -22.85 -3.13 23.86
CA LEU B 36 -21.82 -2.15 23.50
C LEU B 36 -21.10 -2.67 22.24
N GLY B 37 -21.34 -2.00 21.12
CA GLY B 37 -20.65 -2.35 19.89
C GLY B 37 -19.34 -1.60 19.74
N HIS B 38 -18.34 -2.26 19.16
CA HIS B 38 -17.13 -1.56 18.72
C HIS B 38 -16.72 -2.05 17.33
N TYR B 39 -16.20 -1.11 16.54
CA TYR B 39 -15.89 -1.31 15.13
C TYR B 39 -14.40 -0.97 14.85
N HIS B 40 -13.67 -1.93 14.25
CA HIS B 40 -12.22 -1.80 13.97
C HIS B 40 -11.90 -1.85 12.47
N PRO B 41 -10.87 -1.10 12.04
CA PRO B 41 -10.33 -1.30 10.69
C PRO B 41 -9.49 -2.60 10.74
N ILE B 42 -9.69 -3.51 9.78
CA ILE B 42 -9.02 -4.83 9.80
C ILE B 42 -8.33 -5.09 8.46
N LEU B 43 -7.01 -4.89 8.44
CA LEU B 43 -6.26 -5.13 7.22
C LEU B 43 -6.16 -6.63 6.97
N LEU B 44 -6.53 -7.10 5.79
CA LEU B 44 -6.30 -8.52 5.48
C LEU B 44 -5.30 -8.68 4.34
N PRO B 45 -4.63 -9.85 4.26
CA PRO B 45 -3.69 -10.18 3.17
C PRO B 45 -4.45 -10.35 1.86
N LEU B 46 -3.82 -10.04 0.73
CA LEU B 46 -4.50 -10.12 -0.56
C LEU B 46 -5.06 -11.51 -0.80
N GLU B 47 -4.47 -12.50 -0.14
CA GLU B 47 -4.81 -13.88 -0.41
C GLU B 47 -6.07 -14.30 0.37
N SER B 48 -6.48 -13.47 1.33
CA SER B 48 -7.50 -13.87 2.28
C SER B 48 -8.83 -14.30 1.65
N HIS B 49 -9.53 -15.21 2.34
CA HIS B 49 -10.97 -15.49 2.03
C HIS B 49 -12.05 -15.03 3.04
N ILE B 50 -11.81 -14.20 3.95
CA ILE B 50 -12.74 -13.44 4.76
C ILE B 50 -13.45 -14.26 5.83
N LYS B 51 -14.10 -15.27 5.52
CA LYS B 51 -14.87 -16.08 6.45
C LYS B 51 -14.10 -16.57 7.68
N SER B 52 -12.79 -17.21 7.48
CA SER B 52 -12.02 -17.69 8.60
C SER B 52 -11.65 -16.59 9.58
N GLU B 53 -11.22 -15.44 9.07
CA GLU B 53 -10.89 -14.33 9.96
C GLU B 53 -12.11 -13.80 10.70
N PHE B 54 -13.25 -13.69 10.04
CA PHE B 54 -14.49 -13.20 10.67
C PHE B 54 -14.79 -14.07 11.90
N LEU B 55 -14.69 -15.37 11.68
CA LEU B 55 -15.00 -16.36 12.71
C LEU B 55 -14.02 -16.28 13.88
N HIS B 56 -12.72 -16.28 13.53
CA HIS B 56 -11.62 -16.28 14.50
C HIS B 56 -11.72 -15.05 15.39
N LEU B 57 -11.96 -13.90 14.77
CA LEU B 57 -12.08 -12.64 15.48
C LEU B 57 -13.30 -12.61 16.37
N GLY B 58 -14.26 -13.48 16.15
CA GLY B 58 -15.50 -13.44 16.93
C GLY B 58 -16.46 -12.29 16.58
N LEU B 59 -16.37 -11.80 15.36
CA LEU B 59 -17.19 -10.67 14.91
C LEU B 59 -18.70 -10.94 14.93
N SER B 60 -19.51 -9.97 15.31
CA SER B 60 -20.95 -10.10 15.08
C SER B 60 -21.31 -9.64 13.68
N GLY B 61 -20.45 -8.82 13.09
CA GLY B 61 -20.75 -8.22 11.78
C GLY B 61 -19.57 -7.46 11.21
N ALA B 62 -19.60 -7.18 9.92
CA ALA B 62 -18.46 -6.50 9.31
C ALA B 62 -18.83 -5.84 8.00
N ASN B 63 -18.09 -4.82 7.61
CA ASN B 63 -18.16 -4.44 6.20
C ASN B 63 -16.97 -5.04 5.42
N VAL B 64 -17.10 -5.11 4.09
CA VAL B 64 -16.04 -5.58 3.21
C VAL B 64 -15.81 -4.49 2.15
N THR B 65 -14.58 -4.04 2.01
CA THR B 65 -14.22 -3.09 0.99
C THR B 65 -13.06 -3.62 0.09
N LEU B 66 -12.56 -2.88 -0.79
CA LEU B 66 -11.65 -3.36 -1.82
C LEU B 66 -10.51 -4.13 -1.16
N PRO B 67 -10.03 -5.21 -1.81
CA PRO B 67 -10.53 -5.84 -3.03
C PRO B 67 -11.33 -7.13 -2.76
N PHE B 68 -12.15 -7.17 -1.71
CA PHE B 68 -12.68 -8.45 -1.27
C PHE B 68 -14.17 -8.66 -1.52
N LYS B 69 -14.87 -7.67 -2.08
CA LYS B 69 -16.35 -7.75 -2.15
C LYS B 69 -16.91 -8.94 -2.96
N GLU B 70 -16.21 -9.36 -4.00
CA GLU B 70 -16.64 -10.51 -4.81
C GLU B 70 -16.28 -11.81 -4.12
N ARG B 71 -15.12 -11.84 -3.50
CA ARG B 71 -14.72 -12.97 -2.68
C ARG B 71 -15.69 -13.18 -1.55
N ALA B 72 -16.17 -12.10 -0.94
CA ALA B 72 -17.12 -12.24 0.16
C ALA B 72 -18.44 -12.87 -0.31
N PHE B 73 -18.88 -12.46 -1.49
CA PHE B 73 -20.06 -13.03 -2.16
C PHE B 73 -19.92 -14.53 -2.32
N GLN B 74 -18.71 -14.99 -2.64
CA GLN B 74 -18.45 -16.42 -2.80
C GLN B 74 -18.40 -17.20 -1.49
N VAL B 75 -17.86 -16.61 -0.41
CA VAL B 75 -17.76 -17.40 0.84
C VAL B 75 -18.94 -17.42 1.81
N CYS B 76 -19.91 -16.53 1.66
CA CYS B 76 -21.01 -16.53 2.64
C CYS B 76 -21.78 -17.85 2.67
N ASP B 77 -22.33 -18.22 3.83
CA ASP B 77 -23.26 -19.36 3.93
C ASP B 77 -24.63 -19.04 3.34
N LYS B 78 -25.01 -17.77 3.33
CA LYS B 78 -26.29 -17.38 2.78
C LYS B 78 -26.13 -15.96 2.24
N ILE B 79 -26.88 -15.60 1.20
CA ILE B 79 -26.87 -14.26 0.62
C ILE B 79 -28.32 -13.80 0.67
N LYS B 80 -28.58 -12.57 1.13
CA LYS B 80 -29.97 -12.06 1.21
C LYS B 80 -30.05 -10.65 0.64
N GLY B 81 -31.27 -10.23 0.29
CA GLY B 81 -31.47 -8.92 -0.31
C GLY B 81 -30.90 -8.78 -1.72
N ILE B 82 -30.81 -7.54 -2.17
CA ILE B 82 -30.30 -7.19 -3.51
C ILE B 82 -28.90 -7.78 -3.79
N ALA B 83 -28.12 -8.11 -2.76
CA ALA B 83 -26.80 -8.75 -2.99
C ALA B 83 -26.92 -9.94 -3.95
N LEU B 84 -28.08 -10.60 -3.90
CA LEU B 84 -28.33 -11.76 -4.74
C LEU B 84 -28.09 -11.47 -6.20
N GLU B 85 -28.23 -10.21 -6.58
CA GLU B 85 -28.12 -9.80 -7.97
C GLU B 85 -26.85 -8.96 -8.21
N CYS B 86 -26.12 -8.65 -7.13
CA CYS B 86 -24.91 -7.78 -7.25
C CYS B 86 -23.60 -8.52 -7.56
N GLY B 87 -23.52 -9.82 -7.28
CA GLY B 87 -22.28 -10.53 -7.48
C GLY B 87 -21.21 -9.99 -6.55
N ALA B 88 -21.58 -9.42 -5.47
CA ALA B 88 -20.69 -8.74 -4.51
C ALA B 88 -21.42 -8.54 -3.17
N VAL B 89 -20.60 -8.62 -2.08
CA VAL B 89 -21.12 -8.48 -0.71
C VAL B 89 -20.22 -7.54 0.05
N ASN B 90 -20.80 -6.45 0.55
CA ASN B 90 -20.04 -5.53 1.38
C ASN B 90 -20.40 -5.61 2.87
N THR B 91 -21.44 -6.37 3.22
CA THR B 91 -21.95 -6.33 4.59
C THR B 91 -22.12 -7.77 5.04
N LEU B 92 -21.56 -8.11 6.20
CA LEU B 92 -21.62 -9.48 6.73
C LEU B 92 -22.26 -9.41 8.10
N VAL B 93 -23.20 -10.32 8.34
CA VAL B 93 -23.81 -10.40 9.65
C VAL B 93 -23.87 -11.88 10.10
N LEU B 94 -23.47 -12.17 11.34
CA LEU B 94 -23.60 -13.53 11.87
C LEU B 94 -25.04 -13.78 12.25
N GLU B 95 -25.74 -14.64 11.49
CA GLU B 95 -27.17 -14.87 11.71
C GLU B 95 -27.42 -16.35 11.94
N ASN B 96 -27.95 -16.64 13.12
CA ASN B 96 -28.09 -18.02 13.60
C ASN B 96 -26.87 -18.86 13.32
N ASP B 97 -25.70 -18.34 13.69
CA ASP B 97 -24.41 -18.96 13.36
C ASP B 97 -24.05 -19.08 11.88
N GLU B 98 -24.83 -18.52 10.98
CA GLU B 98 -24.42 -18.50 9.59
C GLU B 98 -23.88 -17.12 9.21
N LEU B 99 -22.88 -17.12 8.33
CA LEU B 99 -22.33 -15.87 7.80
C LEU B 99 -23.25 -15.43 6.69
N VAL B 100 -24.01 -14.37 6.92
CA VAL B 100 -24.99 -13.92 5.94
C VAL B 100 -24.49 -12.65 5.27
N GLY B 101 -24.47 -12.66 3.95
CA GLY B 101 -24.00 -11.52 3.21
C GLY B 101 -25.18 -10.70 2.70
N TYR B 102 -24.95 -9.39 2.69
CA TYR B 102 -25.82 -8.39 2.10
C TYR B 102 -24.99 -7.40 1.30
N ASN B 103 -25.69 -6.53 0.59
CA ASN B 103 -24.98 -5.52 -0.17
C ASN B 103 -25.72 -4.20 -0.04
N THR B 104 -25.03 -3.21 0.53
CA THR B 104 -25.63 -1.92 0.82
C THR B 104 -25.11 -0.84 -0.13
N ASP B 105 -24.15 -1.21 -0.97
CA ASP B 105 -23.60 -0.30 -1.95
C ASP B 105 -24.68 0.09 -2.97
N ALA B 106 -25.45 -0.89 -3.42
CA ALA B 106 -26.50 -0.63 -4.45
C ALA B 106 -27.50 0.46 -4.04
N LEU B 107 -28.17 0.25 -2.89
CA LEU B 107 -29.13 1.26 -2.38
C LEU B 107 -28.41 2.54 -1.89
N GLY B 108 -27.23 2.38 -1.31
CA GLY B 108 -26.46 3.53 -0.89
C GLY B 108 -26.16 4.44 -2.07
N PHE B 109 -25.74 3.84 -3.18
CA PHE B 109 -25.43 4.63 -4.36
C PHE B 109 -26.74 5.31 -4.84
N TYR B 110 -27.80 4.54 -4.86
CA TYR B 110 -29.08 5.06 -5.35
C TYR B 110 -29.47 6.28 -4.53
N LEU B 111 -29.41 6.13 -3.21
CA LEU B 111 -29.78 7.22 -2.30
C LEU B 111 -28.86 8.46 -2.45
N SER B 112 -27.59 8.23 -2.79
CA SER B 112 -26.65 9.31 -2.96
C SER B 112 -26.89 10.19 -4.22
N LEU B 113 -27.58 9.64 -5.22
CA LEU B 113 -27.68 10.27 -6.54
C LEU B 113 -28.97 11.10 -6.68
N LYS B 114 -28.84 12.42 -6.59
CA LYS B 114 -30.00 13.31 -6.72
C LYS B 114 -30.53 13.32 -8.15
N TYR B 118 -30.79 11.71 -16.02
CA TYR B 118 -29.73 10.91 -16.64
C TYR B 118 -30.29 9.72 -17.40
N GLN B 119 -29.95 9.58 -18.69
CA GLN B 119 -30.46 8.46 -19.48
C GLN B 119 -29.47 7.30 -19.52
N ASN B 120 -28.19 7.63 -19.58
CA ASN B 120 -27.18 6.58 -19.74
C ASN B 120 -25.96 6.81 -18.85
N ALA B 121 -25.14 5.77 -18.69
CA ALA B 121 -23.99 5.83 -17.81
C ALA B 121 -22.81 5.02 -18.37
N LEU B 122 -21.62 5.53 -18.10
CA LEU B 122 -20.36 4.86 -18.33
C LEU B 122 -19.75 4.54 -16.95
N ILE B 123 -19.49 3.26 -16.67
CA ILE B 123 -18.78 2.88 -15.43
C ILE B 123 -17.33 2.49 -15.73
N LEU B 124 -16.41 3.16 -15.07
CA LEU B 124 -14.98 2.80 -15.11
C LEU B 124 -14.71 1.83 -13.93
N GLY B 125 -14.37 0.57 -14.22
CA GLY B 125 -14.14 -0.41 -13.14
C GLY B 125 -15.07 -1.61 -13.20
N ALA B 126 -14.59 -2.78 -12.81
CA ALA B 126 -15.37 -4.01 -12.97
C ALA B 126 -15.48 -4.78 -11.69
N GLY B 127 -14.97 -4.21 -10.60
CA GLY B 127 -14.97 -4.89 -9.31
C GLY B 127 -16.21 -4.64 -8.43
N GLY B 128 -16.15 -5.10 -7.19
CA GLY B 128 -17.32 -5.07 -6.31
C GLY B 128 -18.24 -3.87 -6.35
N SER B 129 -17.67 -2.67 -6.30
CA SER B 129 -18.50 -1.47 -6.40
C SER B 129 -19.14 -1.35 -7.79
N ALA B 130 -18.40 -1.50 -8.88
CA ALA B 130 -18.98 -1.46 -10.25
C ALA B 130 -20.16 -2.43 -10.45
N LYS B 131 -20.04 -3.65 -9.97
CA LYS B 131 -21.15 -4.57 -10.13
C LYS B 131 -22.40 -4.06 -9.45
N ALA B 132 -22.29 -3.58 -8.21
CA ALA B 132 -23.50 -3.13 -7.49
C ALA B 132 -24.07 -1.88 -8.16
N LEU B 133 -23.18 -1.02 -8.64
CA LEU B 133 -23.71 0.16 -9.37
C LEU B 133 -24.43 -0.21 -10.70
N ALA B 134 -23.87 -1.15 -11.43
CA ALA B 134 -24.41 -1.52 -12.73
C ALA B 134 -25.78 -2.15 -12.50
N CYS B 135 -25.89 -2.96 -11.46
CA CYS B 135 -27.13 -3.62 -11.13
C CYS B 135 -28.23 -2.61 -10.74
N GLU B 136 -27.86 -1.61 -9.97
CA GLU B 136 -28.79 -0.55 -9.61
C GLU B 136 -29.20 0.34 -10.79
N LEU B 137 -28.21 0.83 -11.53
CA LEU B 137 -28.49 1.67 -12.70
C LEU B 137 -29.38 0.94 -13.74
N LYS B 138 -29.14 -0.34 -13.99
CA LYS B 138 -30.03 -1.09 -14.92
C LYS B 138 -31.47 -1.15 -14.39
N LYS B 139 -31.63 -1.23 -13.07
CA LYS B 139 -32.95 -1.30 -12.49
C LYS B 139 -33.68 0.02 -12.64
N GLN B 140 -32.92 1.11 -12.64
CA GLN B 140 -33.49 2.43 -12.92
C GLN B 140 -33.76 2.67 -14.40
N GLY B 141 -33.50 1.68 -15.25
CA GLY B 141 -33.78 1.80 -16.68
C GLY B 141 -32.81 2.69 -17.45
N LEU B 142 -31.57 2.80 -16.96
CA LEU B 142 -30.55 3.58 -17.67
C LEU B 142 -29.82 2.64 -18.62
N GLN B 143 -29.26 3.20 -19.69
CA GLN B 143 -28.39 2.40 -20.52
C GLN B 143 -27.06 2.39 -19.78
N VAL B 144 -26.38 1.23 -19.71
CA VAL B 144 -25.05 1.14 -19.05
C VAL B 144 -23.93 0.52 -19.87
N SER B 145 -22.80 1.23 -19.86
CA SER B 145 -21.61 0.78 -20.52
C SER B 145 -20.52 0.68 -19.47
N VAL B 146 -19.63 -0.28 -19.66
CA VAL B 146 -18.59 -0.57 -18.67
C VAL B 146 -17.27 -0.64 -19.42
N LEU B 147 -16.29 0.12 -18.93
CA LEU B 147 -15.01 0.24 -19.60
C LEU B 147 -13.96 -0.16 -18.61
N ASN B 148 -13.21 -1.15 -18.97
CA ASN B 148 -12.39 -1.78 -18.01
C ASN B 148 -11.10 -2.00 -18.64
N ARG B 149 -10.06 -1.73 -17.89
CA ARG B 149 -8.69 -2.16 -18.12
C ARG B 149 -8.45 -3.62 -18.60
N SER B 150 -8.98 -4.54 -17.83
CA SER B 150 -8.79 -5.96 -17.99
C SER B 150 -10.08 -6.62 -18.53
N SER B 151 -10.00 -7.89 -18.94
CA SER B 151 -11.22 -8.50 -19.49
C SER B 151 -11.86 -9.54 -18.56
N ARG B 152 -11.34 -9.67 -17.35
CA ARG B 152 -11.86 -10.66 -16.41
C ARG B 152 -13.07 -10.13 -15.64
N GLY B 153 -13.94 -11.06 -15.24
CA GLY B 153 -15.14 -10.75 -14.47
C GLY B 153 -16.15 -9.85 -15.18
N LEU B 154 -16.33 -10.03 -16.49
CA LEU B 154 -17.35 -9.28 -17.23
C LEU B 154 -18.63 -10.09 -17.57
N ASP B 155 -18.61 -11.41 -17.44
CA ASP B 155 -19.83 -12.20 -17.64
C ASP B 155 -21.02 -11.57 -16.90
N PHE B 156 -20.75 -11.02 -15.70
CA PHE B 156 -21.80 -10.47 -14.87
C PHE B 156 -22.46 -9.26 -15.52
N PHE B 157 -21.67 -8.39 -16.13
CA PHE B 157 -22.22 -7.18 -16.75
C PHE B 157 -22.97 -7.52 -18.05
N GLN B 158 -22.40 -8.43 -18.83
CA GLN B 158 -23.06 -8.96 -20.02
C GLN B 158 -24.43 -9.52 -19.76
N ARG B 159 -24.57 -10.42 -18.76
CA ARG B 159 -25.88 -10.94 -18.37
C ARG B 159 -26.87 -9.88 -17.86
N LEU B 160 -26.35 -8.84 -17.19
CA LEU B 160 -27.17 -7.66 -16.85
C LEU B 160 -27.69 -6.91 -18.06
N GLY B 161 -27.07 -7.12 -19.23
CA GLY B 161 -27.41 -6.34 -20.43
C GLY B 161 -26.54 -5.12 -20.68
N CYS B 162 -25.36 -5.07 -20.07
CA CYS B 162 -24.50 -3.88 -20.31
C CYS B 162 -23.67 -4.07 -21.58
N ASP B 163 -23.25 -2.96 -22.21
CA ASP B 163 -22.20 -2.98 -23.23
C ASP B 163 -20.85 -2.91 -22.55
N CYS B 164 -19.98 -3.88 -22.83
CA CYS B 164 -18.65 -3.91 -22.22
C CYS B 164 -17.56 -3.55 -23.23
N PHE B 165 -16.70 -2.61 -22.85
CA PHE B 165 -15.54 -2.18 -23.66
C PHE B 165 -14.15 -2.29 -22.98
N MET B 166 -13.14 -2.53 -23.82
CA MET B 166 -11.72 -2.38 -23.45
C MET B 166 -11.18 -1.06 -24.07
N GLU B 167 -11.64 -0.73 -25.27
CA GLU B 167 -11.34 0.56 -25.92
C GLU B 167 -12.45 1.55 -25.58
N PRO B 168 -12.10 2.73 -25.07
CA PRO B 168 -13.10 3.73 -24.71
C PRO B 168 -14.06 4.01 -25.87
N PRO B 169 -15.38 3.85 -25.66
CA PRO B 169 -16.29 4.14 -26.78
C PRO B 169 -16.37 5.63 -27.06
N LYS B 170 -16.59 5.97 -28.33
CA LYS B 170 -16.71 7.35 -28.80
C LYS B 170 -18.17 7.74 -28.81
N SER B 171 -18.70 8.01 -27.63
CA SER B 171 -20.14 8.17 -27.44
C SER B 171 -20.31 9.12 -26.25
N ALA B 172 -21.47 9.76 -26.16
CA ALA B 172 -21.78 10.64 -25.02
C ALA B 172 -22.44 9.87 -23.88
N PHE B 173 -22.15 10.26 -22.64
CA PHE B 173 -22.75 9.63 -21.47
C PHE B 173 -23.18 10.69 -20.41
N ASP B 174 -24.37 10.54 -19.87
CA ASP B 174 -24.83 11.40 -18.79
C ASP B 174 -23.98 11.27 -17.52
N LEU B 175 -23.79 10.05 -17.04
CA LEU B 175 -23.01 9.81 -15.82
C LEU B 175 -21.67 9.21 -16.16
N ILE B 176 -20.60 9.78 -15.63
CA ILE B 176 -19.29 9.16 -15.83
C ILE B 176 -18.82 8.80 -14.43
N ILE B 177 -18.71 7.51 -14.16
CA ILE B 177 -18.56 7.04 -12.79
C ILE B 177 -17.24 6.33 -12.62
N ASN B 178 -16.34 6.91 -11.82
CA ASN B 178 -15.11 6.25 -11.46
C ASN B 178 -15.33 5.25 -10.32
N ALA B 179 -15.43 3.97 -10.66
CA ALA B 179 -15.59 2.96 -9.63
C ALA B 179 -14.36 2.08 -9.59
N THR B 180 -13.22 2.64 -10.02
CA THR B 180 -11.94 1.96 -9.90
C THR B 180 -11.32 2.23 -8.52
N SER B 181 -10.25 1.54 -8.21
CA SER B 181 -9.52 1.81 -6.96
C SER B 181 -8.35 2.74 -7.21
N ALA B 182 -8.25 3.25 -8.44
CA ALA B 182 -7.13 4.09 -8.87
C ALA B 182 -6.95 5.35 -7.99
N SER B 183 -8.06 6.02 -7.70
CA SER B 183 -8.07 7.25 -6.88
C SER B 183 -7.52 7.03 -5.48
N LEU B 184 -7.43 5.77 -5.05
CA LEU B 184 -6.97 5.45 -3.72
C LEU B 184 -5.47 5.14 -3.73
N HIS B 185 -4.95 4.82 -4.91
CA HIS B 185 -3.52 4.61 -5.10
C HIS B 185 -3.05 5.86 -5.82
N ASN B 186 -3.85 6.91 -5.79
CA ASN B 186 -3.53 8.14 -6.54
C ASN B 186 -3.10 8.06 -8.00
N GLU B 187 -3.97 7.46 -8.82
CA GLU B 187 -3.90 7.58 -10.29
C GLU B 187 -5.23 7.91 -11.01
N LEU B 188 -5.15 8.50 -12.20
CA LEU B 188 -6.27 8.70 -13.09
C LEU B 188 -6.73 7.34 -13.63
N PRO B 189 -8.04 7.05 -13.56
CA PRO B 189 -8.60 5.77 -14.01
C PRO B 189 -8.46 5.55 -15.51
N LEU B 190 -8.17 6.62 -16.23
CA LEU B 190 -8.27 6.64 -17.68
C LEU B 190 -7.32 7.69 -18.24
N ASN B 191 -6.81 7.48 -19.44
CA ASN B 191 -6.03 8.51 -20.11
C ASN B 191 -6.71 9.86 -19.91
N LYS B 192 -5.92 10.94 -19.81
CA LYS B 192 -6.45 12.24 -19.42
C LYS B 192 -7.29 12.91 -20.50
N GLU B 193 -6.87 12.81 -21.75
CA GLU B 193 -7.60 13.41 -22.86
C GLU B 193 -8.93 12.69 -23.11
N VAL B 194 -8.90 11.36 -23.04
CA VAL B 194 -10.11 10.58 -23.26
C VAL B 194 -11.15 11.02 -22.25
N LEU B 195 -10.67 11.25 -21.03
CA LEU B 195 -11.52 11.56 -19.92
C LEU B 195 -12.09 12.97 -20.00
N LYS B 196 -11.27 13.93 -20.46
CA LYS B 196 -11.72 15.30 -20.70
C LYS B 196 -12.86 15.29 -21.69
N GLY B 197 -12.74 14.44 -22.71
CA GLY B 197 -13.78 14.31 -23.74
C GLY B 197 -15.10 13.85 -23.19
N TYR B 198 -15.06 12.84 -22.31
CA TYR B 198 -16.27 12.40 -21.63
C TYR B 198 -16.81 13.52 -20.75
N PHE B 199 -15.95 14.20 -19.98
CA PHE B 199 -16.53 15.22 -19.11
C PHE B 199 -17.22 16.30 -19.93
N LYS B 200 -16.64 16.67 -21.08
CA LYS B 200 -17.19 17.75 -21.90
C LYS B 200 -18.62 17.49 -22.35
N GLU B 201 -18.95 16.24 -22.66
CA GLU B 201 -20.30 15.88 -23.11
C GLU B 201 -21.21 15.34 -22.01
N GLY B 202 -20.69 15.29 -20.78
CA GLY B 202 -21.39 14.59 -19.70
C GLY B 202 -22.13 15.48 -18.72
N LYS B 203 -23.07 14.89 -17.99
CA LYS B 203 -23.82 15.67 -17.01
C LYS B 203 -23.26 15.57 -15.57
N LEU B 204 -22.62 14.45 -15.24
CA LEU B 204 -22.06 14.31 -13.88
C LEU B 204 -20.87 13.35 -13.80
N ALA B 205 -19.76 13.83 -13.26
CA ALA B 205 -18.61 13.01 -12.92
C ALA B 205 -18.81 12.54 -11.49
N TYR B 206 -18.81 11.24 -11.29
CA TYR B 206 -19.09 10.72 -9.96
C TYR B 206 -17.95 9.79 -9.59
N ASP B 207 -17.26 10.10 -8.51
CA ASP B 207 -16.14 9.28 -8.04
C ASP B 207 -16.52 8.66 -6.72
N LEU B 208 -16.28 7.36 -6.54
CA LEU B 208 -16.57 6.67 -5.28
C LEU B 208 -15.63 7.04 -4.12
N ALA B 209 -14.40 7.42 -4.45
CA ALA B 209 -13.43 7.84 -3.42
C ALA B 209 -13.96 9.03 -2.61
N TYR B 210 -13.60 9.08 -1.33
CA TYR B 210 -14.15 10.13 -0.45
C TYR B 210 -13.02 10.84 0.30
N GLY B 211 -13.29 11.99 0.88
CA GLY B 211 -12.25 12.75 1.58
C GLY B 211 -11.55 13.85 0.78
N PHE B 212 -10.67 13.46 -0.15
CA PHE B 212 -9.80 14.42 -0.84
C PHE B 212 -10.20 14.57 -2.30
N LEU B 213 -10.01 15.75 -2.89
CA LEU B 213 -10.35 15.97 -4.30
C LEU B 213 -9.47 15.13 -5.22
N THR B 214 -10.06 14.15 -5.92
CA THR B 214 -9.26 13.16 -6.68
C THR B 214 -8.76 13.71 -8.02
N PRO B 215 -7.77 13.04 -8.63
CA PRO B 215 -7.41 13.45 -9.98
C PRO B 215 -8.63 13.45 -10.93
N PHE B 216 -9.45 12.39 -10.82
CA PHE B 216 -10.68 12.31 -11.60
C PHE B 216 -11.55 13.55 -11.38
N LEU B 217 -11.88 13.85 -10.13
CA LEU B 217 -12.74 14.97 -9.83
C LEU B 217 -12.03 16.30 -10.14
N SER B 218 -10.75 16.37 -9.84
CA SER B 218 -9.96 17.57 -10.10
C SER B 218 -10.08 17.96 -11.57
N LEU B 219 -9.86 17.00 -12.45
CA LEU B 219 -10.04 17.22 -13.89
C LEU B 219 -11.46 17.75 -14.22
N ALA B 220 -12.49 17.11 -13.66
CA ALA B 220 -13.88 17.50 -13.88
C ALA B 220 -14.14 18.95 -13.42
N LYS B 221 -13.52 19.30 -12.31
CA LYS B 221 -13.56 20.65 -11.73
C LYS B 221 -13.20 21.71 -12.80
N GLU B 222 -12.02 21.57 -13.38
CA GLU B 222 -11.54 22.48 -14.41
C GLU B 222 -12.49 22.66 -15.60
N LEU B 223 -12.83 21.56 -16.23
CA LEU B 223 -13.61 21.61 -17.47
C LEU B 223 -15.03 22.05 -17.10
N LYS B 224 -15.19 22.43 -15.85
CA LYS B 224 -16.42 23.02 -15.34
C LYS B 224 -17.63 22.08 -15.32
N THR B 225 -17.41 20.77 -15.36
CA THR B 225 -18.55 19.85 -15.37
C THR B 225 -18.93 19.40 -13.94
N PRO B 226 -20.23 19.37 -13.64
CA PRO B 226 -20.60 19.05 -12.27
C PRO B 226 -20.04 17.70 -11.78
N PHE B 227 -19.88 17.59 -10.48
CA PHE B 227 -19.19 16.43 -9.91
C PHE B 227 -19.72 16.07 -8.53
N GLN B 228 -19.38 14.87 -8.07
CA GLN B 228 -19.74 14.41 -6.72
C GLN B 228 -18.73 13.38 -6.30
N ASP B 229 -18.28 13.46 -5.05
CA ASP B 229 -17.34 12.47 -4.51
C ASP B 229 -18.13 11.40 -3.76
N GLY B 230 -17.44 10.46 -3.14
CA GLY B 230 -18.14 9.30 -2.55
C GLY B 230 -18.57 9.45 -1.11
N LYS B 231 -18.64 10.68 -0.61
CA LYS B 231 -19.06 10.88 0.78
C LYS B 231 -20.52 10.48 1.06
N ASP B 232 -21.48 11.02 0.31
CA ASP B 232 -22.87 10.65 0.54
C ASP B 232 -23.11 9.14 0.38
N MET B 233 -22.59 8.53 -0.67
CA MET B 233 -22.71 7.04 -0.79
C MET B 233 -22.11 6.25 0.40
N LEU B 234 -20.90 6.61 0.82
CA LEU B 234 -20.31 6.12 2.05
C LEU B 234 -21.24 6.11 3.24
N ILE B 235 -21.84 7.26 3.51
CA ILE B 235 -22.69 7.40 4.69
C ILE B 235 -23.99 6.59 4.56
N TYR B 236 -24.64 6.65 3.39
CA TYR B 236 -25.88 5.87 3.17
C TYR B 236 -25.60 4.36 3.26
N GLN B 237 -24.58 3.85 2.58
CA GLN B 237 -24.33 2.42 2.66
C GLN B 237 -24.05 2.00 4.10
N ALA B 238 -23.26 2.81 4.81
CA ALA B 238 -22.90 2.51 6.22
C ALA B 238 -24.13 2.45 7.15
N ALA B 239 -24.98 3.47 7.04
CA ALA B 239 -26.25 3.51 7.74
C ALA B 239 -27.10 2.28 7.48
N LEU B 240 -27.22 1.92 6.20
CA LEU B 240 -27.88 0.72 5.77
C LEU B 240 -27.21 -0.52 6.40
N SER B 241 -25.87 -0.57 6.43
CA SER B 241 -25.20 -1.73 7.03
C SER B 241 -25.52 -1.78 8.53
N PHE B 242 -25.51 -0.59 9.14
CA PHE B 242 -25.74 -0.51 10.59
C PHE B 242 -27.13 -0.99 10.90
N GLU B 243 -28.08 -0.68 10.02
CA GLU B 243 -29.42 -1.25 10.21
C GLU B 243 -29.32 -2.81 10.27
N LYS B 244 -28.57 -3.44 9.35
CA LYS B 244 -28.41 -4.90 9.41
C LYS B 244 -27.61 -5.35 10.62
N PHE B 245 -26.60 -4.59 11.02
CA PHE B 245 -25.83 -4.96 12.23
C PHE B 245 -26.74 -4.99 13.45
N SER B 246 -27.72 -4.09 13.48
CA SER B 246 -28.63 -3.94 14.60
C SER B 246 -29.76 -4.96 14.49
N ALA B 247 -29.66 -5.90 13.56
CA ALA B 247 -30.76 -6.84 13.31
C ALA B 247 -32.04 -6.10 12.92
N SER B 248 -31.90 -5.04 12.13
CA SER B 248 -33.05 -4.24 11.70
C SER B 248 -33.78 -3.45 12.84
N GLN B 249 -33.16 -3.27 14.00
CA GLN B 249 -33.79 -2.49 15.08
C GLN B 249 -33.63 -0.98 14.90
N ILE B 250 -32.48 -0.54 14.42
CA ILE B 250 -32.22 0.86 14.18
C ILE B 250 -32.42 1.14 12.68
N PRO B 251 -33.38 2.03 12.33
CA PRO B 251 -33.63 2.31 10.93
C PRO B 251 -32.46 3.06 10.36
N TYR B 252 -32.17 2.86 9.09
CA TYR B 252 -30.96 3.47 8.51
C TYR B 252 -31.03 5.00 8.54
N SER B 253 -32.24 5.57 8.47
CA SER B 253 -32.36 7.03 8.43
C SER B 253 -31.91 7.62 9.76
N LYS B 254 -32.15 6.90 10.86
CA LYS B 254 -31.69 7.32 12.19
C LYS B 254 -30.13 7.24 12.26
N ALA B 255 -29.56 6.10 11.85
CA ALA B 255 -28.09 5.97 11.72
C ALA B 255 -27.50 7.06 10.83
N PHE B 256 -28.13 7.33 9.68
CA PHE B 256 -27.59 8.31 8.72
C PHE B 256 -27.36 9.70 9.32
N GLU B 257 -28.29 10.13 10.18
CA GLU B 257 -28.22 11.45 10.80
C GLU B 257 -27.00 11.59 11.71
N VAL B 258 -26.73 10.54 12.47
CA VAL B 258 -25.61 10.53 13.41
C VAL B 258 -24.30 10.44 12.62
N MET B 259 -24.27 9.52 11.67
CA MET B 259 -23.10 9.33 10.83
C MET B 259 -22.71 10.61 10.07
N ARG B 260 -23.70 11.32 9.54
CA ARG B 260 -23.39 12.52 8.76
C ARG B 260 -22.70 13.58 9.59
N SER B 261 -23.22 13.82 10.78
CA SER B 261 -22.68 14.88 11.60
C SER B 261 -21.28 14.61 12.16
N VAL B 262 -20.97 13.37 12.54
CA VAL B 262 -19.61 13.07 13.02
C VAL B 262 -18.54 13.30 11.96
#